data_4BUP
#
_entry.id   4BUP
#
_cell.length_a   46.310
_cell.length_b   50.010
_cell.length_c   129.400
_cell.angle_alpha   90.00
_cell.angle_beta   92.82
_cell.angle_gamma   90.00
#
_symmetry.space_group_name_H-M   'P 1 21 1'
#
loop_
_entity.id
_entity.type
_entity.pdbx_description
1 polymer 'HISTONE-LYSINE N-METHYLTRANSFERASE SUV420H1'
2 non-polymer 'ZINC ION'
3 non-polymer S-ADENOSYLMETHIONINE
4 non-polymer GLYCEROL
5 water water
#
_entity_poly.entity_id   1
_entity_poly.type   'polypeptide(L)'
_entity_poly.pdbx_seq_one_letter_code
;GSHMSSGMSAKELCENDDLATSLVLDPYLGFQTHKMNTSAFPSRSSRHISKADSFSHNNPVRFRPIKGRQEELKEVIERF
KKDEHLEKAFKCLTSGEWARHYFLNKNKMQEKLFKEHVFIYLRMFATDSGFEILPCNRYSSEQNGAKIVATKEWKRNDKI
ELLVGCIAELSEIEENMLLRHGENDFSVMYSTRKNCAQLWLGPAAFINHDCRPNCKFVSTGRDTACVKALRDIEPGEEIS
CYYGDGFFGENNEFCECYTCERRGTGAFKSR
;
_entity_poly.pdbx_strand_id   A,B
#
loop_
_chem_comp.id
_chem_comp.type
_chem_comp.name
_chem_comp.formula
GOL non-polymer GLYCEROL 'C3 H8 O3'
SAM non-polymer S-ADENOSYLMETHIONINE 'C15 H22 N6 O5 S'
ZN non-polymer 'ZINC ION' 'Zn 2'
#
# COMPACT_ATOMS: atom_id res chain seq x y z
N GLY A 1 15.41 29.09 -33.57
CA GLY A 1 15.28 29.32 -32.15
C GLY A 1 14.43 30.53 -31.83
N SER A 2 13.41 30.32 -31.00
CA SER A 2 12.55 31.38 -30.48
C SER A 2 11.61 30.84 -29.42
N HIS A 3 12.05 30.86 -28.16
CA HIS A 3 11.23 30.54 -27.00
C HIS A 3 10.93 29.03 -26.86
N MET A 4 11.68 28.22 -27.62
CA MET A 4 11.57 26.75 -27.65
C MET A 4 11.45 26.09 -26.28
N SER A 5 12.56 26.12 -25.53
CA SER A 5 12.72 25.46 -24.25
C SER A 5 14.15 25.81 -23.80
N SER A 6 14.59 25.47 -22.59
CA SER A 6 13.81 24.79 -21.55
C SER A 6 13.49 25.74 -20.41
N GLY A 7 12.45 25.40 -19.66
CA GLY A 7 12.01 26.19 -18.52
C GLY A 7 13.20 26.69 -17.72
N MET A 8 13.91 25.76 -17.11
CA MET A 8 15.09 26.10 -16.32
C MET A 8 16.34 26.05 -17.19
N SER A 9 17.31 26.92 -16.91
CA SER A 9 18.64 26.70 -17.48
C SER A 9 19.26 25.50 -16.75
N ALA A 10 20.37 25.00 -17.27
CA ALA A 10 21.09 23.91 -16.62
C ALA A 10 21.48 24.29 -15.19
N LYS A 11 21.99 25.51 -15.00
CA LYS A 11 22.32 26.02 -13.67
C LYS A 11 21.12 26.03 -12.73
N GLU A 12 19.99 26.52 -13.22
CA GLU A 12 18.78 26.58 -12.41
C GLU A 12 18.24 25.19 -12.08
N LEU A 13 18.38 24.24 -13.01
CA LEU A 13 18.00 22.85 -12.75
C LEU A 13 18.87 22.26 -11.64
N CYS A 14 20.18 22.49 -11.71
CA CYS A 14 21.11 22.02 -10.67
C CYS A 14 20.68 22.54 -9.31
N GLU A 15 20.45 23.84 -9.24
CA GLU A 15 20.06 24.50 -8.01
C GLU A 15 18.73 24.00 -7.47
N ASN A 16 17.74 23.93 -8.35
CA ASN A 16 16.42 23.47 -7.96
C ASN A 16 16.43 22.00 -7.56
N ASP A 17 17.25 21.21 -8.23
CA ASP A 17 17.29 19.79 -7.92
C ASP A 17 17.92 19.56 -6.54
N ASP A 18 18.99 20.29 -6.24
CA ASP A 18 19.65 20.22 -4.94
C ASP A 18 18.72 20.68 -3.82
N LEU A 19 17.98 21.76 -4.05
CA LEU A 19 17.03 22.23 -3.04
C LEU A 19 15.87 21.22 -2.79
N ALA A 20 15.35 20.65 -3.87
CA ALA A 20 14.22 19.72 -3.77
C ALA A 20 14.57 18.40 -3.07
N THR A 21 15.72 17.82 -3.38
CA THR A 21 16.15 16.60 -2.67
C THR A 21 16.46 16.87 -1.20
N SER A 22 17.09 18.01 -0.91
CA SER A 22 17.38 18.37 0.48
C SER A 22 16.11 18.58 1.33
N LEU A 23 15.00 18.91 0.67
CA LEU A 23 13.76 19.14 1.39
C LEU A 23 12.89 17.90 1.48
N VAL A 24 12.87 17.11 0.41
CA VAL A 24 11.89 16.03 0.24
C VAL A 24 12.49 14.65 0.50
N LEU A 25 13.73 14.45 0.08
CA LEU A 25 14.33 13.12 0.14
C LEU A 25 15.26 12.93 1.34
N ASP A 26 16.16 13.88 1.54
CA ASP A 26 17.18 13.74 2.58
C ASP A 26 16.62 13.55 4.01
N PRO A 27 15.67 14.41 4.43
CA PRO A 27 15.07 14.16 5.75
C PRO A 27 14.28 12.85 5.80
N TYR A 28 13.74 12.40 4.66
CA TYR A 28 13.00 11.15 4.62
C TYR A 28 13.94 9.96 4.76
N LEU A 29 15.10 10.03 4.12
CA LEU A 29 16.06 8.93 4.14
C LEU A 29 17.02 8.99 5.32
N GLY A 30 17.24 10.20 5.84
CA GLY A 30 18.13 10.39 6.98
C GLY A 30 19.59 10.58 6.59
N PHE A 31 19.84 10.97 5.35
CA PHE A 31 21.20 11.32 4.91
C PHE A 31 21.12 12.24 3.68
N GLN A 32 22.26 12.73 3.21
CA GLN A 32 22.25 13.64 2.06
C GLN A 32 22.48 12.92 0.72
N THR A 33 21.43 12.84 -0.10
CA THR A 33 21.54 12.25 -1.44
C THR A 33 22.49 13.04 -2.32
N HIS A 34 22.62 12.61 -3.57
CA HIS A 34 23.52 13.28 -4.51
C HIS A 34 23.15 14.77 -4.72
N LYS A 35 24.17 15.59 -4.98
CA LYS A 35 24.00 17.03 -5.16
C LYS A 35 24.91 17.51 -6.26
N MET A 36 24.44 18.45 -7.07
CA MET A 36 25.32 19.06 -8.08
C MET A 36 26.33 20.00 -7.43
N ASN A 37 26.00 20.58 -6.28
CA ASN A 37 26.89 21.55 -5.62
C ASN A 37 27.17 21.24 -4.14
N THR A 38 26.89 22.22 -3.28
CA THR A 38 27.16 22.12 -1.82
C THR A 38 26.18 23.00 -1.04
N ARG A 69 14.01 22.66 10.61
CA ARG A 69 14.08 21.48 11.47
C ARG A 69 14.35 20.24 10.61
N GLN A 70 14.93 19.21 11.21
CA GLN A 70 15.36 18.06 10.42
C GLN A 70 14.19 17.23 9.91
N GLU A 71 13.56 16.45 10.78
CA GLU A 71 12.42 15.65 10.35
C GLU A 71 11.44 15.23 11.47
N GLU A 72 10.39 16.02 11.77
CA GLU A 72 9.98 17.32 11.17
C GLU A 72 9.55 17.33 9.70
N LEU A 73 10.51 17.56 8.81
CA LEU A 73 10.26 17.54 7.38
C LEU A 73 9.74 16.17 6.94
N LYS A 74 10.14 15.11 7.64
CA LYS A 74 9.68 13.75 7.34
C LYS A 74 8.19 13.57 7.60
N GLU A 75 7.68 14.28 8.61
CA GLU A 75 6.26 14.19 8.97
C GLU A 75 5.40 14.83 7.89
N VAL A 76 5.91 15.92 7.32
CA VAL A 76 5.27 16.58 6.18
C VAL A 76 5.16 15.56 5.06
N ILE A 77 6.27 14.89 4.80
CA ILE A 77 6.33 13.82 3.81
C ILE A 77 5.40 12.68 4.20
N GLU A 78 5.30 12.41 5.50
CA GLU A 78 4.52 11.31 6.01
C GLU A 78 3.02 11.59 5.89
N ARG A 79 2.64 12.84 6.14
CA ARG A 79 1.23 13.23 6.07
C ARG A 79 0.75 13.30 4.63
N PHE A 80 1.65 13.67 3.72
CA PHE A 80 1.36 13.73 2.29
C PHE A 80 0.98 12.35 1.78
N LYS A 81 1.59 11.33 2.37
CA LYS A 81 1.29 9.95 1.99
C LYS A 81 -0.16 9.61 2.32
N LYS A 82 -0.68 10.27 3.35
CA LYS A 82 -2.06 10.07 3.76
C LYS A 82 -3.02 10.93 2.93
N ASP A 83 -2.72 12.22 2.80
CA ASP A 83 -3.66 13.16 2.18
C ASP A 83 -3.40 13.46 0.70
N GLU A 84 -2.12 13.49 0.31
CA GLU A 84 -1.67 13.85 -1.05
C GLU A 84 -1.93 15.31 -1.43
N HIS A 85 -1.85 16.20 -0.46
CA HIS A 85 -2.05 17.62 -0.75
C HIS A 85 -0.72 18.30 -1.09
N LEU A 86 -0.54 18.63 -2.36
CA LEU A 86 0.73 19.16 -2.85
C LEU A 86 1.06 20.53 -2.27
N GLU A 87 0.10 21.45 -2.36
CA GLU A 87 0.27 22.81 -1.89
C GLU A 87 0.56 22.82 -0.40
N LYS A 88 -0.25 22.09 0.37
CA LYS A 88 -0.07 21.97 1.80
C LYS A 88 1.34 21.55 2.19
N ALA A 89 1.84 20.48 1.58
CA ALA A 89 3.17 19.98 1.90
C ALA A 89 4.25 20.99 1.54
N PHE A 90 4.06 21.68 0.42
CA PHE A 90 5.07 22.61 -0.11
C PHE A 90 5.26 23.86 0.77
N LYS A 91 4.24 24.24 1.54
CA LYS A 91 4.37 25.39 2.41
C LYS A 91 5.21 25.01 3.63
N CYS A 92 4.86 23.90 4.26
CA CYS A 92 5.58 23.43 5.43
C CYS A 92 7.07 23.27 5.10
N LEU A 93 7.34 22.66 3.95
CA LEU A 93 8.71 22.43 3.52
C LEU A 93 9.51 23.74 3.40
N THR A 94 8.84 24.81 2.98
CA THR A 94 9.53 26.05 2.64
C THR A 94 9.15 27.23 3.54
N SER A 95 8.71 26.94 4.75
CA SER A 95 8.30 27.99 5.68
C SER A 95 9.50 28.81 6.15
N LEU A 104 14.04 36.90 -2.13
CA LEU A 104 13.59 38.19 -2.64
C LEU A 104 14.42 38.65 -3.83
N ASN A 105 15.13 37.71 -4.47
CA ASN A 105 15.91 38.03 -5.66
C ASN A 105 15.57 37.10 -6.82
N LYS A 106 14.61 36.21 -6.60
CA LYS A 106 14.10 35.35 -7.66
C LYS A 106 12.77 35.90 -8.17
N ASN A 107 12.54 35.83 -9.47
CA ASN A 107 11.28 36.27 -10.06
C ASN A 107 10.18 35.21 -9.93
N LYS A 108 8.96 35.61 -10.29
CA LYS A 108 7.78 34.74 -10.27
C LYS A 108 8.02 33.40 -10.92
N MET A 109 8.59 33.44 -12.12
CA MET A 109 8.73 32.25 -12.96
C MET A 109 9.73 31.26 -12.36
N GLN A 110 10.82 31.75 -11.79
CA GLN A 110 11.82 30.90 -11.16
C GLN A 110 11.20 30.16 -9.99
N GLU A 111 10.46 30.91 -9.18
CA GLU A 111 9.80 30.34 -8.01
C GLU A 111 8.78 29.28 -8.40
N LYS A 112 8.07 29.52 -9.50
CA LYS A 112 7.07 28.59 -9.99
C LYS A 112 7.72 27.30 -10.49
N LEU A 113 8.85 27.46 -11.18
CA LEU A 113 9.60 26.33 -11.70
C LEU A 113 10.18 25.50 -10.56
N PHE A 114 10.66 26.18 -9.53
CA PHE A 114 11.17 25.48 -8.36
C PHE A 114 10.04 24.73 -7.68
N LYS A 115 8.91 25.42 -7.48
CA LYS A 115 7.71 24.81 -6.92
C LYS A 115 7.38 23.50 -7.63
N GLU A 116 7.29 23.55 -8.96
CA GLU A 116 6.97 22.39 -9.77
C GLU A 116 7.99 21.27 -9.61
N HIS A 117 9.25 21.65 -9.41
CA HIS A 117 10.31 20.65 -9.24
C HIS A 117 10.15 19.89 -7.93
N VAL A 118 9.86 20.61 -6.86
CA VAL A 118 9.55 19.96 -5.59
C VAL A 118 8.33 19.04 -5.77
N PHE A 119 7.40 19.46 -6.61
CA PHE A 119 6.21 18.63 -6.89
C PHE A 119 6.53 17.27 -7.51
N ILE A 120 7.48 17.23 -8.44
CA ILE A 120 7.78 15.96 -9.09
C ILE A 120 8.38 14.99 -8.06
N TYR A 121 9.13 15.52 -7.09
CA TYR A 121 9.69 14.65 -6.07
C TYR A 121 8.61 14.27 -5.08
N LEU A 122 7.68 15.20 -4.86
CA LEU A 122 6.59 14.96 -3.92
C LEU A 122 5.72 13.82 -4.43
N ARG A 123 5.52 13.78 -5.73
CA ARG A 123 4.67 12.76 -6.33
C ARG A 123 5.27 11.33 -6.25
N MET A 124 6.57 11.22 -5.98
CA MET A 124 7.16 9.91 -5.71
C MET A 124 6.44 9.21 -4.56
N PHE A 125 5.89 10.01 -3.65
CA PHE A 125 5.18 9.44 -2.50
C PHE A 125 3.68 9.27 -2.74
N ALA A 126 3.23 9.48 -3.97
CA ALA A 126 1.81 9.37 -4.30
C ALA A 126 1.37 7.89 -4.46
N THR A 127 0.14 7.59 -4.05
CA THR A 127 -0.36 6.21 -4.04
C THR A 127 -0.19 5.50 -5.37
N ASP A 128 -0.35 6.21 -6.47
CA ASP A 128 -0.25 5.61 -7.78
C ASP A 128 1.20 5.53 -8.30
N SER A 129 2.16 5.99 -7.51
CA SER A 129 3.56 6.05 -7.96
C SER A 129 4.07 4.64 -8.33
N GLY A 130 3.87 3.70 -7.42
CA GLY A 130 4.24 2.33 -7.70
C GLY A 130 5.73 2.07 -7.57
N PHE A 131 6.44 3.03 -6.97
CA PHE A 131 7.85 2.85 -6.67
C PHE A 131 8.24 3.58 -5.37
N GLU A 132 9.38 3.19 -4.79
CA GLU A 132 9.96 3.92 -3.67
C GLU A 132 11.47 4.06 -3.80
N ILE A 133 12.04 4.98 -3.02
CA ILE A 133 13.48 5.18 -2.96
C ILE A 133 14.01 4.63 -1.63
N LEU A 134 15.12 3.91 -1.71
CA LEU A 134 15.72 3.26 -0.56
C LEU A 134 17.22 3.45 -0.63
N PRO A 135 17.90 3.35 0.52
CA PRO A 135 19.36 3.40 0.56
C PRO A 135 19.98 2.30 -0.27
N CYS A 136 21.14 2.57 -0.88
CA CYS A 136 21.88 1.56 -1.62
C CYS A 136 23.36 1.67 -1.30
N ASN A 137 23.94 0.57 -0.84
CA ASN A 137 25.36 0.58 -0.50
C ASN A 137 26.20 -0.27 -1.43
N ARG A 138 25.64 -0.65 -2.56
CA ARG A 138 26.37 -1.53 -3.47
C ARG A 138 27.60 -0.92 -4.15
N TYR A 139 27.54 0.36 -4.50
CA TYR A 139 28.55 0.91 -5.44
C TYR A 139 29.74 1.64 -4.81
N SER A 140 30.92 1.33 -5.34
CA SER A 140 32.17 1.78 -4.73
C SER A 140 32.48 3.23 -5.04
N SER A 141 31.82 3.79 -6.05
CA SER A 141 32.10 5.17 -6.44
C SER A 141 31.18 6.15 -5.75
N GLU A 142 30.47 5.71 -4.73
CA GLU A 142 29.60 6.61 -4.00
C GLU A 142 29.42 6.18 -2.55
N GLN A 143 29.08 7.15 -1.71
CA GLN A 143 28.61 6.94 -0.36
C GLN A 143 27.29 7.66 -0.36
N ASN A 144 26.40 7.30 0.55
CA ASN A 144 25.04 7.87 0.53
C ASN A 144 24.38 7.61 -0.83
N GLY A 145 24.56 6.40 -1.35
CA GLY A 145 23.86 6.02 -2.56
C GLY A 145 22.41 5.72 -2.25
N ALA A 146 21.57 5.71 -3.29
CA ALA A 146 20.17 5.35 -3.18
C ALA A 146 19.77 4.51 -4.38
N LYS A 147 18.55 4.00 -4.38
CA LYS A 147 18.03 3.23 -5.49
C LYS A 147 16.53 3.29 -5.50
N ILE A 148 15.95 2.91 -6.63
CA ILE A 148 14.51 2.95 -6.83
C ILE A 148 14.01 1.53 -6.99
N VAL A 149 12.99 1.19 -6.21
CA VAL A 149 12.44 -0.15 -6.17
C VAL A 149 10.93 -0.08 -6.38
N ALA A 150 10.37 -1.03 -7.11
CA ALA A 150 8.93 -1.07 -7.34
C ALA A 150 8.20 -1.46 -6.07
N THR A 151 6.99 -0.95 -5.93
CA THR A 151 6.16 -1.28 -4.80
C THR A 151 4.89 -1.97 -5.29
N LYS A 152 4.85 -2.29 -6.57
CA LYS A 152 3.73 -3.03 -7.12
C LYS A 152 4.23 -3.83 -8.31
N GLU A 153 3.39 -4.73 -8.83
CA GLU A 153 3.74 -5.46 -10.03
C GLU A 153 3.69 -4.48 -11.20
N TRP A 154 4.69 -4.51 -12.06
CA TRP A 154 4.60 -3.77 -13.31
C TRP A 154 4.63 -4.82 -14.40
N LYS A 155 3.88 -4.58 -15.47
CA LYS A 155 3.87 -5.49 -16.60
C LYS A 155 4.64 -4.89 -17.76
N ARG A 156 5.13 -5.77 -18.64
CA ARG A 156 5.87 -5.35 -19.82
C ARG A 156 5.11 -4.25 -20.57
N ASN A 157 5.85 -3.19 -20.90
CA ASN A 157 5.37 -2.02 -21.66
C ASN A 157 4.57 -1.00 -20.85
N ASP A 158 4.34 -1.27 -19.56
CA ASP A 158 3.73 -0.26 -18.71
C ASP A 158 4.65 0.93 -18.63
N LYS A 159 4.07 2.13 -18.56
CA LYS A 159 4.84 3.35 -18.32
C LYS A 159 4.83 3.67 -16.82
N ILE A 160 5.99 3.98 -16.24
CA ILE A 160 6.02 4.41 -14.85
C ILE A 160 6.08 5.93 -14.82
N GLU A 161 4.91 6.55 -14.81
CA GLU A 161 4.77 7.93 -15.19
C GLU A 161 5.32 8.96 -14.21
N LEU A 162 5.34 8.62 -12.92
CA LEU A 162 5.83 9.57 -11.91
C LEU A 162 7.33 9.46 -11.68
N LEU A 163 7.94 8.45 -12.31
CA LEU A 163 9.39 8.27 -12.24
C LEU A 163 10.01 9.16 -13.32
N VAL A 164 10.08 10.46 -12.99
CA VAL A 164 10.33 11.50 -13.98
C VAL A 164 11.81 11.87 -14.09
N GLY A 165 12.30 12.00 -15.30
CA GLY A 165 13.63 12.58 -15.51
C GLY A 165 13.52 13.93 -16.18
N CYS A 166 14.33 14.89 -15.72
CA CYS A 166 14.44 16.21 -16.33
C CYS A 166 15.80 16.32 -17.02
N ILE A 167 15.80 16.74 -18.28
CA ILE A 167 17.01 16.69 -19.07
C ILE A 167 17.49 18.06 -19.50
N ALA A 168 18.74 18.38 -19.18
CA ALA A 168 19.35 19.63 -19.61
C ALA A 168 20.49 19.28 -20.52
N GLU A 169 20.43 19.74 -21.76
CA GLU A 169 21.55 19.56 -22.67
C GLU A 169 22.53 20.71 -22.49
N LEU A 170 23.78 20.37 -22.18
CA LEU A 170 24.78 21.38 -21.81
C LEU A 170 25.59 21.84 -23.01
N SER A 171 25.79 23.15 -23.16
CA SER A 171 26.84 23.60 -24.09
C SER A 171 28.19 23.17 -23.49
N GLU A 172 29.24 23.18 -24.31
CA GLU A 172 30.55 22.82 -23.78
C GLU A 172 31.02 23.79 -22.67
N ILE A 173 30.69 25.08 -22.84
CA ILE A 173 30.96 26.08 -21.81
C ILE A 173 30.24 25.73 -20.51
N GLU A 174 29.00 25.27 -20.62
CA GLU A 174 28.26 24.90 -19.43
C GLU A 174 28.85 23.63 -18.82
N GLU A 175 29.28 22.72 -19.69
CA GLU A 175 29.93 21.48 -19.29
C GLU A 175 31.20 21.79 -18.49
N ASN A 176 32.02 22.69 -19.03
CA ASN A 176 33.23 23.14 -18.36
C ASN A 176 32.98 23.74 -16.97
N MET A 177 32.02 24.67 -16.88
CA MET A 177 31.78 25.40 -15.64
C MET A 177 31.02 24.58 -14.58
N LEU A 178 30.10 23.74 -15.01
CA LEU A 178 29.19 23.08 -14.07
C LEU A 178 29.71 21.75 -13.54
N LEU A 179 30.53 21.06 -14.34
CA LEU A 179 30.84 19.67 -14.05
C LEU A 179 32.22 19.44 -13.45
N ARG A 180 32.24 18.65 -12.39
CA ARG A 180 33.46 18.30 -11.71
C ARG A 180 33.57 16.79 -11.85
N HIS A 181 34.41 16.36 -12.77
CA HIS A 181 34.50 14.93 -13.14
C HIS A 181 34.72 14.04 -11.91
N GLY A 182 33.95 12.95 -11.83
CA GLY A 182 34.04 12.01 -10.73
C GLY A 182 33.23 12.45 -9.52
N GLU A 183 32.76 13.68 -9.54
CA GLU A 183 32.14 14.28 -8.36
C GLU A 183 30.64 14.61 -8.54
N ASN A 184 30.28 15.18 -9.68
CA ASN A 184 28.88 15.54 -9.90
C ASN A 184 28.39 15.24 -11.34
N ASP A 185 29.13 14.38 -12.03
CA ASP A 185 28.75 13.91 -13.35
C ASP A 185 28.13 12.53 -13.25
N PHE A 186 27.62 12.21 -12.05
CA PHE A 186 27.03 10.91 -11.80
C PHE A 186 25.84 10.65 -12.71
N SER A 187 25.18 11.70 -13.22
CA SER A 187 24.05 11.48 -14.11
C SER A 187 24.18 12.24 -15.43
N VAL A 188 25.39 12.30 -15.99
CA VAL A 188 25.59 12.98 -17.25
C VAL A 188 25.81 11.96 -18.35
N MET A 189 24.98 12.02 -19.40
CA MET A 189 25.14 11.14 -20.55
C MET A 189 25.77 11.90 -21.67
N TYR A 190 26.26 11.17 -22.66
CA TYR A 190 26.94 11.76 -23.79
C TYR A 190 26.24 11.39 -25.09
N SER A 191 25.60 12.39 -25.71
CA SER A 191 24.92 12.17 -26.97
C SER A 191 25.90 12.20 -28.13
N THR A 192 25.96 11.11 -28.88
CA THR A 192 26.80 11.10 -30.06
C THR A 192 26.16 11.99 -31.13
N ARG A 193 24.84 11.92 -31.25
CA ARG A 193 24.13 12.65 -32.30
C ARG A 193 24.21 14.18 -32.19
N LYS A 194 24.16 14.70 -30.98
CA LYS A 194 24.23 16.14 -30.77
C LYS A 194 25.62 16.58 -30.32
N ASN A 195 26.51 15.61 -30.11
CA ASN A 195 27.88 15.89 -29.69
C ASN A 195 27.94 16.79 -28.46
N CYS A 196 27.24 16.39 -27.41
CA CYS A 196 27.13 17.21 -26.21
C CYS A 196 26.81 16.36 -24.97
N ALA A 197 26.95 17.00 -23.80
CA ALA A 197 26.66 16.35 -22.53
C ALA A 197 25.19 16.60 -22.19
N GLN A 198 24.55 15.61 -21.57
CA GLN A 198 23.14 15.67 -21.17
C GLN A 198 23.00 15.38 -19.69
N LEU A 199 22.54 16.36 -18.93
CA LEU A 199 22.41 16.24 -17.49
C LEU A 199 20.99 15.73 -17.18
N TRP A 200 20.88 14.57 -16.54
CA TRP A 200 19.57 14.05 -16.11
C TRP A 200 19.40 14.20 -14.59
N LEU A 201 18.39 14.95 -14.17
CA LEU A 201 18.11 15.13 -12.75
C LEU A 201 16.62 14.88 -12.48
N GLY A 202 16.23 14.74 -11.23
CA GLY A 202 14.86 14.33 -10.94
C GLY A 202 14.84 12.93 -10.36
N PRO A 203 13.66 12.43 -9.99
CA PRO A 203 13.55 11.08 -9.41
C PRO A 203 14.22 10.00 -10.27
N ALA A 204 14.16 10.11 -11.59
CA ALA A 204 14.77 9.09 -12.46
C ALA A 204 16.29 9.04 -12.37
N ALA A 205 16.91 10.12 -11.85
CA ALA A 205 18.35 10.13 -11.65
C ALA A 205 18.75 9.26 -10.46
N PHE A 206 17.78 8.69 -9.74
CA PHE A 206 18.13 7.75 -8.67
C PHE A 206 18.09 6.29 -9.09
N ILE A 207 17.88 6.06 -10.39
CA ILE A 207 17.85 4.71 -10.93
C ILE A 207 19.25 4.21 -11.27
N ASN A 208 19.62 3.05 -10.75
CA ASN A 208 20.92 2.48 -11.05
C ASN A 208 20.99 1.76 -12.39
N HIS A 209 22.20 1.58 -12.89
CA HIS A 209 22.43 0.89 -14.14
C HIS A 209 22.57 -0.63 -13.96
N ASP A 210 21.92 -1.40 -14.84
CA ASP A 210 22.20 -2.85 -14.97
C ASP A 210 22.36 -3.14 -16.44
N CYS A 211 23.23 -4.07 -16.76
CA CYS A 211 23.52 -4.43 -18.15
C CYS A 211 22.43 -5.27 -18.82
N ARG A 212 21.55 -5.87 -18.02
CA ARG A 212 20.32 -6.48 -18.55
C ARG A 212 19.13 -5.85 -17.81
N PRO A 213 18.80 -4.61 -18.16
CA PRO A 213 17.88 -3.77 -17.39
C PRO A 213 16.44 -4.28 -17.41
N ASN A 214 15.62 -3.90 -16.44
CA ASN A 214 14.18 -4.18 -16.56
C ASN A 214 13.34 -3.00 -17.11
N CYS A 215 13.94 -1.81 -17.20
CA CYS A 215 13.24 -0.64 -17.73
C CYS A 215 14.08 0.08 -18.78
N LYS A 216 13.49 1.10 -19.42
CA LYS A 216 14.20 2.01 -20.33
C LYS A 216 13.56 3.38 -20.19
N PHE A 217 14.28 4.45 -20.56
CA PHE A 217 13.65 5.79 -20.53
C PHE A 217 12.90 6.04 -21.80
N VAL A 218 11.77 6.72 -21.70
CA VAL A 218 11.06 7.13 -22.90
C VAL A 218 10.73 8.61 -22.76
N SER A 219 10.77 9.34 -23.87
CA SER A 219 10.52 10.77 -23.88
C SER A 219 9.06 11.09 -23.66
N THR A 220 8.78 12.03 -22.75
CA THR A 220 7.42 12.47 -22.50
C THR A 220 7.30 13.95 -22.87
N GLY A 221 8.24 14.44 -23.66
CA GLY A 221 8.25 15.84 -24.01
C GLY A 221 9.65 16.24 -24.39
N ARG A 222 9.86 17.53 -24.58
CA ARG A 222 11.10 18.05 -25.10
C ARG A 222 12.29 17.87 -24.16
N ASP A 223 12.07 18.09 -22.87
CA ASP A 223 13.16 18.00 -21.90
C ASP A 223 12.79 17.10 -20.74
N THR A 224 11.86 16.18 -20.95
CA THR A 224 11.41 15.31 -19.90
C THR A 224 11.32 13.86 -20.36
N ALA A 225 11.46 12.93 -19.42
CA ALA A 225 11.32 11.50 -19.67
C ALA A 225 10.66 10.80 -18.50
N CYS A 226 10.17 9.57 -18.75
CA CYS A 226 9.81 8.67 -17.67
C CYS A 226 10.32 7.29 -18.05
N VAL A 227 10.08 6.29 -17.20
CA VAL A 227 10.55 4.96 -17.55
C VAL A 227 9.43 4.04 -18.04
N LYS A 228 9.81 3.08 -18.85
CA LYS A 228 8.87 2.09 -19.36
C LYS A 228 9.42 0.73 -19.01
N ALA A 229 8.55 -0.19 -18.61
CA ALA A 229 8.98 -1.55 -18.27
C ALA A 229 9.32 -2.39 -19.49
N LEU A 230 10.51 -2.98 -19.51
CA LEU A 230 10.95 -3.85 -20.59
C LEU A 230 10.45 -5.28 -20.41
N ARG A 231 10.05 -5.60 -19.18
CA ARG A 231 9.57 -6.93 -18.83
C ARG A 231 8.77 -6.80 -17.55
N ASP A 232 8.02 -7.85 -17.21
CA ASP A 232 7.26 -7.89 -15.95
C ASP A 232 8.18 -7.65 -14.77
N ILE A 233 7.74 -6.85 -13.83
CA ILE A 233 8.54 -6.50 -12.66
C ILE A 233 7.69 -6.71 -11.41
N GLU A 234 8.30 -7.25 -10.35
CA GLU A 234 7.58 -7.64 -9.14
C GLU A 234 7.84 -6.66 -8.01
N PRO A 235 6.93 -6.58 -7.02
CA PRO A 235 7.17 -5.69 -5.87
C PRO A 235 8.51 -6.03 -5.21
N GLY A 236 9.26 -5.01 -4.80
CA GLY A 236 10.56 -5.23 -4.21
C GLY A 236 11.71 -5.42 -5.19
N GLU A 237 11.40 -5.49 -6.49
CA GLU A 237 12.48 -5.60 -7.48
C GLU A 237 13.02 -4.20 -7.80
N GLU A 238 14.34 -4.06 -7.82
CA GLU A 238 14.97 -2.77 -8.16
C GLU A 238 14.62 -2.37 -9.60
N ILE A 239 14.29 -1.11 -9.81
CA ILE A 239 14.13 -0.62 -11.17
C ILE A 239 15.50 -0.32 -11.77
N SER A 240 15.80 -0.85 -12.94
CA SER A 240 17.09 -0.55 -13.59
C SER A 240 16.96 -0.15 -15.06
N CYS A 241 17.98 0.58 -15.53
CA CYS A 241 18.09 0.97 -16.93
C CYS A 241 19.50 0.77 -17.40
N TYR A 242 19.69 0.85 -18.71
CA TYR A 242 21.00 0.73 -19.28
C TYR A 242 21.53 2.12 -19.69
N TYR A 243 22.56 2.62 -19.02
CA TYR A 243 23.03 3.99 -19.30
C TYR A 243 23.58 4.12 -20.73
N GLY A 244 24.26 3.08 -21.20
CA GLY A 244 24.90 3.12 -22.50
C GLY A 244 26.11 2.22 -22.49
N ASP A 245 26.77 2.11 -23.64
CA ASP A 245 27.87 1.17 -23.84
C ASP A 245 29.17 1.45 -23.07
N GLY A 246 29.52 2.72 -22.92
CA GLY A 246 30.82 3.04 -22.34
C GLY A 246 30.74 3.98 -21.17
N PHE A 247 29.65 3.89 -20.43
CA PHE A 247 29.45 4.77 -19.31
C PHE A 247 30.45 4.47 -18.19
N PHE A 248 30.72 3.19 -17.96
CA PHE A 248 31.59 2.78 -16.85
C PHE A 248 32.97 2.36 -17.37
N GLY A 249 33.67 3.29 -18.01
CA GLY A 249 34.85 2.97 -18.77
C GLY A 249 34.46 2.40 -20.12
N GLU A 250 35.44 2.26 -21.00
CA GLU A 250 35.24 1.70 -22.31
C GLU A 250 34.64 0.31 -22.18
N ASN A 251 33.59 0.04 -22.94
CA ASN A 251 32.87 -1.24 -22.87
C ASN A 251 32.37 -1.60 -21.48
N ASN A 252 32.22 -0.60 -20.61
CA ASN A 252 31.70 -0.81 -19.26
C ASN A 252 32.55 -1.75 -18.41
N GLU A 253 33.86 -1.69 -18.62
CA GLU A 253 34.79 -2.53 -17.87
C GLU A 253 34.73 -2.30 -16.36
N PHE A 254 34.15 -1.18 -15.95
CA PHE A 254 34.06 -0.84 -14.53
C PHE A 254 32.65 -0.94 -13.96
N CYS A 255 31.75 -1.59 -14.69
CA CYS A 255 30.40 -1.77 -14.20
C CYS A 255 30.32 -2.72 -13.00
N GLU A 256 29.56 -2.33 -11.97
CA GLU A 256 29.40 -3.16 -10.78
C GLU A 256 28.00 -3.80 -10.63
N CYS A 257 27.26 -3.89 -11.74
CA CYS A 257 25.88 -4.37 -11.66
C CYS A 257 25.77 -5.89 -11.33
N TYR A 258 24.58 -6.30 -10.93
CA TYR A 258 24.28 -7.70 -10.65
C TYR A 258 24.49 -8.59 -11.88
N THR A 259 24.10 -8.11 -13.05
CA THR A 259 24.31 -8.92 -14.26
C THR A 259 25.81 -9.18 -14.46
N CYS A 260 26.61 -8.13 -14.37
CA CYS A 260 28.04 -8.30 -14.55
C CYS A 260 28.61 -9.21 -13.50
N GLU A 261 28.06 -9.10 -12.29
CA GLU A 261 28.52 -9.95 -11.21
C GLU A 261 28.29 -11.43 -11.56
N ARG A 262 27.11 -11.74 -12.08
CA ARG A 262 26.77 -13.13 -12.39
C ARG A 262 27.64 -13.68 -13.51
N ARG A 263 27.86 -12.85 -14.52
CA ARG A 263 28.60 -13.22 -15.73
C ARG A 263 30.11 -13.11 -15.57
N GLY A 264 30.54 -12.53 -14.45
CA GLY A 264 31.96 -12.32 -14.22
C GLY A 264 32.57 -11.30 -15.18
N THR A 265 31.79 -10.29 -15.54
CA THR A 265 32.27 -9.24 -16.45
C THR A 265 32.29 -7.89 -15.76
N GLY A 266 32.62 -6.85 -16.51
CA GLY A 266 32.76 -5.54 -15.93
C GLY A 266 33.81 -5.54 -14.86
N ALA A 267 33.47 -4.99 -13.70
CA ALA A 267 34.42 -4.82 -12.60
C ALA A 267 34.75 -6.14 -11.91
N PHE A 268 33.97 -7.17 -12.21
CA PHE A 268 34.13 -8.48 -11.58
C PHE A 268 34.97 -9.37 -12.49
N LYS A 269 35.60 -8.77 -13.48
CA LYS A 269 36.40 -9.49 -14.47
C LYS A 269 37.78 -9.84 -13.93
N SER A 270 38.57 -10.53 -14.77
CA SER A 270 39.85 -11.10 -14.37
C SER A 270 41.00 -10.16 -14.67
N SER B 5 -19.63 9.10 21.63
CA SER B 5 -18.42 8.43 21.15
C SER B 5 -18.73 7.53 19.96
N SER B 6 -18.53 6.23 20.14
CA SER B 6 -18.95 5.17 19.19
C SER B 6 -18.19 5.03 17.86
N GLY B 7 -17.49 6.08 17.41
CA GLY B 7 -16.82 6.05 16.13
C GLY B 7 -17.81 6.16 14.98
N MET B 8 -18.15 5.03 14.36
CA MET B 8 -19.31 4.96 13.48
C MET B 8 -20.52 4.48 14.29
N SER B 9 -21.72 4.93 13.94
CA SER B 9 -22.93 4.43 14.60
C SER B 9 -23.19 3.00 14.17
N ALA B 10 -24.21 2.39 14.74
CA ALA B 10 -24.53 1.02 14.38
C ALA B 10 -24.97 0.93 12.92
N LYS B 11 -25.71 1.95 12.45
CA LYS B 11 -26.21 1.95 11.08
C LYS B 11 -25.03 2.07 10.12
N GLU B 12 -24.08 2.91 10.47
CA GLU B 12 -22.90 3.10 9.63
C GLU B 12 -21.99 1.89 9.65
N LEU B 13 -21.93 1.19 10.77
CA LEU B 13 -21.14 -0.03 10.84
C LEU B 13 -21.77 -1.09 9.94
N CYS B 14 -23.10 -1.22 9.99
CA CYS B 14 -23.79 -2.15 9.10
C CYS B 14 -23.50 -1.85 7.64
N GLU B 15 -23.57 -0.56 7.28
CA GLU B 15 -23.41 -0.14 5.88
C GLU B 15 -21.99 -0.38 5.40
N ASN B 16 -21.04 0.01 6.24
CA ASN B 16 -19.62 -0.08 5.90
C ASN B 16 -19.18 -1.54 5.85
N ASP B 17 -19.71 -2.34 6.76
CA ASP B 17 -19.38 -3.77 6.74
C ASP B 17 -19.94 -4.49 5.49
N ASP B 18 -21.16 -4.15 5.08
CA ASP B 18 -21.75 -4.79 3.90
C ASP B 18 -20.98 -4.37 2.66
N LEU B 19 -20.65 -3.08 2.58
CA LEU B 19 -19.85 -2.56 1.49
C LEU B 19 -18.45 -3.18 1.40
N ALA B 20 -17.76 -3.23 2.54
CA ALA B 20 -16.41 -3.81 2.62
C ALA B 20 -16.37 -5.28 2.19
N THR B 21 -17.32 -6.07 2.68
CA THR B 21 -17.36 -7.49 2.36
C THR B 21 -17.70 -7.75 0.89
N SER B 22 -18.54 -6.90 0.29
CA SER B 22 -18.86 -7.09 -1.12
C SER B 22 -17.68 -6.73 -2.03
N LEU B 23 -16.81 -5.85 -1.54
CA LEU B 23 -15.64 -5.44 -2.30
C LEU B 23 -14.48 -6.39 -2.09
N VAL B 24 -14.26 -6.77 -0.84
CA VAL B 24 -13.05 -7.51 -0.48
C VAL B 24 -13.24 -9.02 -0.43
N LEU B 25 -14.31 -9.47 0.20
CA LEU B 25 -14.46 -10.90 0.44
C LEU B 25 -15.28 -11.61 -0.64
N ASP B 26 -16.35 -10.96 -1.08
CA ASP B 26 -17.30 -11.62 -1.99
C ASP B 26 -16.70 -12.01 -3.37
N PRO B 27 -15.90 -11.11 -3.99
CA PRO B 27 -15.24 -11.52 -5.24
C PRO B 27 -14.19 -12.60 -5.04
N TYR B 28 -13.57 -12.64 -3.86
CA TYR B 28 -12.49 -13.57 -3.63
C TYR B 28 -13.03 -14.98 -3.44
N LEU B 29 -14.07 -15.10 -2.62
CA LEU B 29 -14.63 -16.39 -2.30
C LEU B 29 -15.52 -16.92 -3.42
N GLY B 30 -16.05 -16.02 -4.23
CA GLY B 30 -16.91 -16.42 -5.33
C GLY B 30 -18.37 -16.53 -4.97
N PHE B 31 -18.75 -15.98 -3.82
CA PHE B 31 -20.16 -15.93 -3.41
C PHE B 31 -20.39 -14.78 -2.43
N GLN B 32 -21.64 -14.51 -2.09
CA GLN B 32 -21.96 -13.40 -1.21
C GLN B 32 -22.03 -13.82 0.26
N THR B 33 -21.06 -13.38 1.04
CA THR B 33 -21.04 -13.67 2.48
C THR B 33 -22.14 -12.88 3.19
N HIS B 34 -22.28 -13.11 4.49
CA HIS B 34 -23.35 -12.48 5.24
C HIS B 34 -23.43 -10.96 5.13
N LYS B 35 -24.65 -10.45 5.21
CA LYS B 35 -24.92 -9.05 5.03
C LYS B 35 -25.96 -8.63 6.05
N MET B 36 -25.84 -7.39 6.51
CA MET B 36 -26.84 -6.86 7.41
C MET B 36 -28.02 -6.39 6.58
N ASN B 37 -27.76 -6.05 5.33
CA ASN B 37 -28.80 -5.58 4.42
C ASN B 37 -28.57 -5.97 2.96
N ILE B 66 -19.06 -4.72 -4.14
CA ILE B 66 -20.00 -3.83 -4.81
C ILE B 66 -19.29 -2.91 -5.79
N LYS B 67 -18.88 -3.46 -6.94
CA LYS B 67 -18.25 -2.64 -7.99
C LYS B 67 -18.63 -3.07 -9.40
N GLY B 68 -18.45 -4.34 -9.71
CA GLY B 68 -18.72 -4.87 -11.03
C GLY B 68 -17.49 -5.52 -11.62
N ARG B 69 -17.71 -6.45 -12.55
CA ARG B 69 -16.65 -7.36 -13.01
C ARG B 69 -16.01 -7.98 -11.78
N GLN B 70 -16.66 -9.02 -11.27
CA GLN B 70 -16.22 -9.67 -10.04
C GLN B 70 -14.77 -10.14 -10.15
N GLU B 71 -14.38 -10.54 -11.35
CA GLU B 71 -13.01 -11.00 -11.58
C GLU B 71 -12.03 -9.84 -11.51
N GLU B 72 -12.51 -8.64 -11.80
CA GLU B 72 -11.68 -7.45 -11.67
C GLU B 72 -11.39 -7.16 -10.19
N LEU B 73 -12.41 -7.30 -9.35
CA LEU B 73 -12.26 -7.04 -7.92
C LEU B 73 -11.34 -8.07 -7.29
N LYS B 74 -11.45 -9.31 -7.76
CA LYS B 74 -10.63 -10.38 -7.22
C LYS B 74 -9.16 -10.13 -7.53
N GLU B 75 -8.89 -9.49 -8.67
CA GLU B 75 -7.52 -9.21 -9.05
C GLU B 75 -6.86 -8.16 -8.14
N VAL B 76 -7.66 -7.19 -7.70
CA VAL B 76 -7.21 -6.20 -6.74
C VAL B 76 -6.70 -6.92 -5.49
N ILE B 77 -7.50 -7.87 -5.03
CA ILE B 77 -7.15 -8.64 -3.83
C ILE B 77 -5.89 -9.44 -4.03
N GLU B 78 -5.73 -9.97 -5.25
CA GLU B 78 -4.60 -10.83 -5.54
C GLU B 78 -3.32 -10.03 -5.68
N ARG B 79 -3.40 -8.83 -6.27
CA ARG B 79 -2.29 -7.90 -6.28
C ARG B 79 -1.87 -7.54 -4.85
N PHE B 80 -2.86 -7.28 -3.99
CA PHE B 80 -2.57 -6.94 -2.59
C PHE B 80 -1.80 -8.05 -1.89
N LYS B 81 -2.15 -9.30 -2.17
CA LYS B 81 -1.46 -10.44 -1.59
C LYS B 81 0.03 -10.37 -1.92
N LYS B 82 0.34 -9.85 -3.10
CA LYS B 82 1.74 -9.71 -3.53
C LYS B 82 2.38 -8.40 -3.05
N ASP B 83 1.65 -7.28 -3.09
CA ASP B 83 2.30 -6.01 -2.73
C ASP B 83 1.94 -5.41 -1.37
N GLU B 84 0.80 -5.82 -0.81
CA GLU B 84 0.36 -5.37 0.52
C GLU B 84 0.18 -3.86 0.65
N HIS B 85 -0.10 -3.17 -0.46
CA HIS B 85 -0.28 -1.72 -0.44
C HIS B 85 -1.74 -1.35 -0.19
N LEU B 86 -2.02 -0.84 1.01
CA LEU B 86 -3.39 -0.64 1.46
C LEU B 86 -4.10 0.44 0.66
N GLU B 87 -3.50 1.62 0.62
CA GLU B 87 -4.07 2.76 -0.10
C GLU B 87 -4.40 2.41 -1.55
N LYS B 88 -3.51 1.69 -2.21
CA LYS B 88 -3.67 1.40 -3.63
C LYS B 88 -4.85 0.47 -3.88
N ALA B 89 -4.92 -0.60 -3.10
CA ALA B 89 -6.02 -1.55 -3.18
C ALA B 89 -7.35 -0.83 -3.00
N PHE B 90 -7.42 0.02 -1.96
CA PHE B 90 -8.63 0.75 -1.66
C PHE B 90 -9.07 1.65 -2.82
N LYS B 91 -8.10 2.31 -3.45
CA LYS B 91 -8.39 3.19 -4.56
C LYS B 91 -9.00 2.39 -5.70
N CYS B 92 -8.37 1.27 -6.05
CA CYS B 92 -8.84 0.43 -7.14
C CYS B 92 -10.21 -0.23 -6.93
N LEU B 93 -10.53 -0.55 -5.68
CA LEU B 93 -11.80 -1.20 -5.36
C LEU B 93 -12.95 -0.21 -5.48
N THR B 94 -12.66 1.05 -5.17
CA THR B 94 -13.65 2.12 -5.11
C THR B 94 -13.44 3.11 -6.25
N SER B 95 -13.04 2.61 -7.41
CA SER B 95 -12.68 3.47 -8.53
C SER B 95 -13.81 3.51 -9.54
N GLY B 96 -14.59 2.44 -9.58
CA GLY B 96 -15.74 2.35 -10.48
C GLY B 96 -16.73 3.50 -10.36
N GLU B 97 -17.62 3.59 -11.34
CA GLU B 97 -18.61 4.66 -11.38
C GLU B 97 -19.54 4.66 -10.17
N TRP B 98 -19.76 3.49 -9.57
CA TRP B 98 -20.67 3.37 -8.44
C TRP B 98 -20.20 4.21 -7.27
N ALA B 99 -18.88 4.29 -7.10
CA ALA B 99 -18.28 4.95 -5.95
C ALA B 99 -18.49 6.45 -5.97
N ARG B 100 -18.37 7.05 -7.15
CA ARG B 100 -18.65 8.47 -7.34
C ARG B 100 -20.07 8.77 -6.91
N HIS B 101 -20.99 7.88 -7.29
CA HIS B 101 -22.39 8.01 -6.88
C HIS B 101 -22.57 7.86 -5.37
N TYR B 102 -21.96 6.83 -4.81
CA TYR B 102 -22.19 6.45 -3.43
C TYR B 102 -21.91 7.56 -2.41
N PHE B 103 -20.71 8.14 -2.51
CA PHE B 103 -20.27 9.14 -1.53
C PHE B 103 -20.59 10.56 -1.95
N LEU B 104 -21.46 10.70 -2.96
CA LEU B 104 -21.84 12.00 -3.52
C LEU B 104 -22.43 12.93 -2.46
N ASN B 105 -22.89 12.34 -1.36
CA ASN B 105 -23.44 13.11 -0.26
C ASN B 105 -22.90 12.62 1.09
N LYS B 106 -21.68 12.09 1.07
CA LYS B 106 -21.03 11.65 2.29
C LYS B 106 -19.80 12.52 2.58
N ASN B 107 -19.58 12.85 3.85
CA ASN B 107 -18.48 13.74 4.22
C ASN B 107 -17.13 13.06 4.40
N LYS B 108 -16.12 13.87 4.71
CA LYS B 108 -14.73 13.40 4.82
C LYS B 108 -14.50 12.39 5.95
N MET B 109 -15.11 12.63 7.12
CA MET B 109 -14.94 11.74 8.23
C MET B 109 -15.54 10.35 7.93
N GLN B 110 -16.75 10.35 7.39
CA GLN B 110 -17.41 9.10 7.02
C GLN B 110 -16.54 8.29 6.10
N GLU B 111 -15.98 8.97 5.09
CA GLU B 111 -15.20 8.32 4.05
C GLU B 111 -13.93 7.67 4.63
N LYS B 112 -13.35 8.31 5.64
CA LYS B 112 -12.12 7.77 6.21
C LYS B 112 -12.45 6.62 7.14
N LEU B 113 -13.65 6.62 7.71
CA LEU B 113 -14.07 5.50 8.53
C LEU B 113 -14.38 4.28 7.67
N PHE B 114 -15.05 4.51 6.54
CA PHE B 114 -15.27 3.45 5.56
C PHE B 114 -13.94 2.87 5.12
N LYS B 115 -12.98 3.75 4.85
CA LYS B 115 -11.66 3.33 4.41
C LYS B 115 -10.95 2.44 5.42
N GLU B 116 -10.91 2.89 6.68
CA GLU B 116 -10.35 2.08 7.75
C GLU B 116 -11.00 0.70 7.86
N HIS B 117 -12.30 0.62 7.60
CA HIS B 117 -13.01 -0.66 7.71
C HIS B 117 -12.66 -1.59 6.55
N VAL B 118 -12.52 -1.03 5.36
CA VAL B 118 -11.97 -1.78 4.23
C VAL B 118 -10.56 -2.27 4.57
N PHE B 119 -9.78 -1.45 5.28
CA PHE B 119 -8.42 -1.82 5.63
C PHE B 119 -8.38 -3.03 6.57
N ILE B 120 -9.33 -3.13 7.52
CA ILE B 120 -9.28 -4.24 8.46
C ILE B 120 -9.49 -5.54 7.71
N TYR B 121 -10.29 -5.50 6.65
CA TYR B 121 -10.53 -6.70 5.85
C TYR B 121 -9.34 -7.04 4.96
N LEU B 122 -8.79 -6.02 4.32
CA LEU B 122 -7.63 -6.19 3.45
C LEU B 122 -6.47 -6.83 4.21
N ARG B 123 -6.24 -6.39 5.45
CA ARG B 123 -5.15 -6.91 6.27
C ARG B 123 -5.20 -8.41 6.53
N MET B 124 -6.38 -9.03 6.35
CA MET B 124 -6.53 -10.48 6.50
C MET B 124 -5.70 -11.23 5.47
N PHE B 125 -5.53 -10.63 4.31
CA PHE B 125 -4.79 -11.26 3.22
C PHE B 125 -3.28 -11.02 3.28
N ALA B 126 -2.85 -10.22 4.24
CA ALA B 126 -1.42 -10.03 4.48
C ALA B 126 -0.79 -11.38 4.87
N THR B 127 0.45 -11.59 4.46
CA THR B 127 1.04 -12.92 4.62
C THR B 127 1.39 -13.23 6.07
N ASP B 128 1.30 -12.22 6.93
CA ASP B 128 1.56 -12.38 8.35
C ASP B 128 0.29 -12.49 9.18
N SER B 129 -0.87 -12.45 8.54
CA SER B 129 -2.12 -12.51 9.31
C SER B 129 -2.23 -13.81 10.11
N GLY B 130 -1.79 -14.92 9.51
CA GLY B 130 -1.79 -16.18 10.21
C GLY B 130 -3.10 -16.94 10.08
N PHE B 131 -4.04 -16.39 9.30
CA PHE B 131 -5.35 -17.03 9.12
C PHE B 131 -5.94 -16.74 7.73
N GLU B 132 -6.96 -17.50 7.33
CA GLU B 132 -7.69 -17.20 6.10
C GLU B 132 -9.20 -17.44 6.24
N ILE B 133 -9.97 -16.91 5.30
CA ILE B 133 -11.39 -17.20 5.24
C ILE B 133 -11.67 -18.25 4.16
N LEU B 134 -12.52 -19.23 4.48
CA LEU B 134 -12.86 -20.30 3.56
C LEU B 134 -14.37 -20.55 3.57
N PRO B 135 -14.92 -21.13 2.48
CA PRO B 135 -16.35 -21.52 2.47
C PRO B 135 -16.64 -22.53 3.57
N CYS B 136 -17.82 -22.45 4.15
CA CYS B 136 -18.24 -23.39 5.19
C CYS B 136 -19.68 -23.82 4.92
N ASN B 137 -19.92 -25.13 4.88
CA ASN B 137 -21.26 -25.64 4.59
C ASN B 137 -21.84 -26.47 5.73
N ARG B 138 -21.26 -26.37 6.92
CA ARG B 138 -21.71 -27.19 8.03
C ARG B 138 -23.05 -26.78 8.65
N TYR B 139 -23.36 -25.50 8.70
CA TYR B 139 -24.50 -25.05 9.49
C TYR B 139 -25.82 -24.94 8.73
N SER B 140 -26.88 -25.42 9.37
CA SER B 140 -28.17 -25.56 8.72
C SER B 140 -28.95 -24.25 8.64
N SER B 141 -28.56 -23.25 9.41
CA SER B 141 -29.33 -22.02 9.40
C SER B 141 -28.67 -20.95 8.56
N GLU B 142 -27.75 -21.35 7.69
CA GLU B 142 -27.20 -20.42 6.73
C GLU B 142 -26.85 -21.13 5.45
N GLN B 143 -26.89 -20.38 4.36
CA GLN B 143 -26.28 -20.81 3.12
C GLN B 143 -25.21 -19.76 2.87
N ASN B 144 -24.25 -20.08 2.01
CA ASN B 144 -23.11 -19.19 1.82
C ASN B 144 -22.37 -18.87 3.14
N GLY B 145 -22.21 -19.87 3.98
CA GLY B 145 -21.48 -19.69 5.22
C GLY B 145 -19.99 -19.62 4.95
N ALA B 146 -19.24 -19.05 5.89
CA ALA B 146 -17.79 -19.02 5.82
C ALA B 146 -17.18 -19.35 7.19
N LYS B 147 -15.87 -19.52 7.21
CA LYS B 147 -15.15 -19.84 8.44
C LYS B 147 -13.70 -19.34 8.33
N ILE B 148 -13.06 -19.22 9.48
CA ILE B 148 -11.74 -18.64 9.62
C ILE B 148 -10.82 -19.76 10.07
N VAL B 149 -9.77 -20.03 9.31
CA VAL B 149 -8.82 -21.09 9.69
C VAL B 149 -7.38 -20.58 9.82
N ALA B 150 -6.62 -21.14 10.75
CA ALA B 150 -5.22 -20.73 10.90
C ALA B 150 -4.39 -21.21 9.72
N THR B 151 -3.42 -20.40 9.31
CA THR B 151 -2.52 -20.79 8.25
C THR B 151 -1.10 -20.90 8.78
N LYS B 152 -0.96 -20.74 10.10
CA LYS B 152 0.33 -20.96 10.75
C LYS B 152 0.06 -21.53 12.13
N GLU B 153 1.13 -21.96 12.82
CA GLU B 153 0.98 -22.42 14.20
C GLU B 153 0.77 -21.22 15.10
N TRP B 154 -0.13 -21.37 16.07
CA TRP B 154 -0.35 -20.34 17.07
C TRP B 154 -0.10 -20.98 18.42
N LYS B 155 0.55 -20.27 19.34
CA LYS B 155 0.76 -20.83 20.66
C LYS B 155 -0.30 -20.33 21.64
N ARG B 156 -0.48 -21.08 22.72
CA ARG B 156 -1.35 -20.69 23.82
C ARG B 156 -1.04 -19.24 24.23
N ASN B 157 -2.10 -18.46 24.44
CA ASN B 157 -2.00 -17.05 24.80
C ASN B 157 -1.57 -16.05 23.70
N ASP B 158 -1.18 -16.52 22.51
CA ASP B 158 -0.89 -15.59 21.41
C ASP B 158 -2.12 -14.76 21.04
N LYS B 159 -1.90 -13.50 20.72
CA LYS B 159 -3.00 -12.67 20.23
C LYS B 159 -3.00 -12.68 18.71
N ILE B 160 -4.17 -12.91 18.11
CA ILE B 160 -4.28 -12.88 16.66
C ILE B 160 -4.85 -11.50 16.29
N GLU B 161 -3.94 -10.56 16.06
CA GLU B 161 -4.24 -9.15 16.15
C GLU B 161 -5.01 -8.59 14.96
N LEU B 162 -4.87 -9.22 13.80
CA LEU B 162 -5.58 -8.78 12.61
C LEU B 162 -6.96 -9.45 12.50
N LEU B 163 -7.26 -10.35 13.43
CA LEU B 163 -8.58 -10.98 13.45
C LEU B 163 -9.49 -10.11 14.31
N VAL B 164 -9.92 -8.99 13.71
CA VAL B 164 -10.52 -7.88 14.44
C VAL B 164 -12.04 -7.93 14.47
N GLY B 165 -12.62 -7.62 15.62
CA GLY B 165 -14.05 -7.39 15.69
C GLY B 165 -14.36 -5.93 15.98
N CYS B 166 -15.46 -5.44 15.39
CA CYS B 166 -15.95 -4.11 15.65
C CYS B 166 -17.31 -4.28 16.31
N ILE B 167 -17.50 -3.63 17.45
CA ILE B 167 -18.70 -3.83 18.25
C ILE B 167 -19.49 -2.54 18.34
N ALA B 168 -20.76 -2.61 17.95
CA ALA B 168 -21.66 -1.49 18.20
C ALA B 168 -22.71 -1.97 19.20
N GLU B 169 -22.86 -1.22 20.28
CA GLU B 169 -23.88 -1.54 21.24
C GLU B 169 -25.18 -0.88 20.79
N LEU B 170 -26.26 -1.66 20.76
CA LEU B 170 -27.53 -1.15 20.24
C LEU B 170 -28.48 -0.71 21.34
N SER B 171 -29.09 0.46 21.20
CA SER B 171 -30.18 0.81 22.08
C SER B 171 -31.37 -0.05 21.67
N GLU B 172 -32.43 -0.09 22.48
CA GLU B 172 -33.61 -0.85 22.10
C GLU B 172 -34.25 -0.37 20.78
N ILE B 173 -34.25 0.95 20.57
CA ILE B 173 -34.78 1.51 19.33
C ILE B 173 -33.97 1.04 18.14
N GLU B 174 -32.65 1.00 18.28
CA GLU B 174 -31.80 0.53 17.17
C GLU B 174 -32.01 -0.97 16.91
N GLU B 175 -32.19 -1.73 17.99
CA GLU B 175 -32.50 -3.14 17.90
C GLU B 175 -33.74 -3.32 17.03
N ASN B 176 -34.80 -2.59 17.38
CA ASN B 176 -36.06 -2.66 16.67
C ASN B 176 -35.94 -2.33 15.19
N MET B 177 -35.13 -1.32 14.87
CA MET B 177 -35.11 -0.81 13.52
C MET B 177 -34.14 -1.55 12.62
N LEU B 178 -33.11 -2.14 13.22
CA LEU B 178 -32.02 -2.72 12.44
C LEU B 178 -32.11 -4.23 12.33
N LEU B 179 -32.66 -4.87 13.35
CA LEU B 179 -32.57 -6.33 13.41
C LEU B 179 -33.81 -7.06 12.91
N ARG B 180 -33.57 -8.05 12.06
CA ARG B 180 -34.60 -9.01 11.67
C ARG B 180 -34.17 -10.39 12.18
N HIS B 181 -34.87 -10.87 13.20
CA HIS B 181 -34.51 -12.12 13.89
C HIS B 181 -34.42 -13.27 12.91
N GLY B 182 -33.36 -14.07 13.05
CA GLY B 182 -33.13 -15.20 12.17
C GLY B 182 -32.52 -14.83 10.84
N GLU B 183 -32.52 -13.54 10.51
CA GLU B 183 -32.04 -13.10 9.21
C GLU B 183 -30.71 -12.32 9.24
N ASN B 184 -30.57 -11.34 10.11
CA ASN B 184 -29.30 -10.59 10.17
C ASN B 184 -28.75 -10.40 11.60
N ASP B 185 -29.17 -11.26 12.51
CA ASP B 185 -28.67 -11.24 13.89
C ASP B 185 -27.75 -12.43 14.15
N PHE B 186 -27.11 -12.89 13.09
CA PHE B 186 -26.16 -13.98 13.15
C PHE B 186 -24.98 -13.66 14.06
N SER B 187 -24.70 -12.37 14.25
CA SER B 187 -23.54 -11.98 15.07
C SER B 187 -23.91 -11.01 16.18
N VAL B 188 -25.12 -11.13 16.71
CA VAL B 188 -25.57 -10.26 17.79
C VAL B 188 -25.53 -11.02 19.11
N MET B 189 -24.83 -10.44 20.11
CA MET B 189 -24.81 -10.97 21.48
C MET B 189 -25.67 -10.12 22.35
N TYR B 190 -25.97 -10.66 23.52
CA TYR B 190 -26.78 -9.96 24.49
C TYR B 190 -25.99 -9.82 25.79
N SER B 191 -25.91 -8.59 26.27
CA SER B 191 -25.22 -8.29 27.52
C SER B 191 -26.21 -8.21 28.69
N THR B 192 -26.00 -9.04 29.70
CA THR B 192 -26.78 -8.94 30.93
C THR B 192 -26.31 -7.74 31.75
N ARG B 193 -25.01 -7.48 31.67
CA ARG B 193 -24.39 -6.34 32.33
C ARG B 193 -24.99 -4.99 31.88
N LYS B 194 -25.15 -4.81 30.57
CA LYS B 194 -25.65 -3.55 30.03
C LYS B 194 -27.12 -3.60 29.57
N ASN B 195 -27.72 -4.78 29.62
CA ASN B 195 -29.12 -5.01 29.19
C ASN B 195 -29.40 -4.53 27.77
N CYS B 196 -28.52 -4.88 26.84
CA CYS B 196 -28.66 -4.43 25.47
C CYS B 196 -28.04 -5.43 24.52
N ALA B 197 -28.43 -5.34 23.25
CA ALA B 197 -27.85 -6.12 22.18
C ALA B 197 -26.51 -5.51 21.76
N GLN B 198 -25.61 -6.37 21.28
CA GLN B 198 -24.25 -5.99 20.85
C GLN B 198 -23.95 -6.59 19.49
N LEU B 199 -23.73 -5.74 18.50
CA LEU B 199 -23.50 -6.18 17.14
C LEU B 199 -22.01 -6.28 16.87
N TRP B 200 -21.56 -7.48 16.50
CA TRP B 200 -20.16 -7.73 16.17
C TRP B 200 -20.01 -7.88 14.66
N LEU B 201 -19.11 -7.12 14.06
CA LEU B 201 -18.87 -7.22 12.64
C LEU B 201 -17.39 -7.02 12.36
N GLY B 202 -16.93 -7.44 11.19
CA GLY B 202 -15.52 -7.45 10.91
C GLY B 202 -15.11 -8.88 10.68
N PRO B 203 -13.83 -9.09 10.38
CA PRO B 203 -13.29 -10.44 10.15
C PRO B 203 -13.72 -11.39 11.26
N ALA B 204 -13.72 -10.92 12.50
CA ALA B 204 -14.05 -11.77 13.65
C ALA B 204 -15.49 -12.29 13.63
N ALA B 205 -16.36 -11.64 12.87
CA ALA B 205 -17.74 -12.13 12.73
C ALA B 205 -17.82 -13.36 11.81
N PHE B 206 -16.70 -13.76 11.23
CA PHE B 206 -16.67 -15.00 10.42
C PHE B 206 -16.16 -16.23 11.18
N ILE B 207 -15.96 -16.05 12.48
CA ILE B 207 -15.52 -17.11 13.37
C ILE B 207 -16.72 -17.86 13.91
N ASN B 208 -16.71 -19.17 13.76
CA ASN B 208 -17.83 -19.99 14.21
C ASN B 208 -17.74 -20.40 15.66
N HIS B 209 -18.86 -20.87 16.20
CA HIS B 209 -18.93 -21.24 17.61
C HIS B 209 -18.58 -22.71 17.83
N ASP B 210 -17.82 -22.98 18.89
CA ASP B 210 -17.59 -24.34 19.38
C ASP B 210 -17.70 -24.29 20.89
N CYS B 211 -18.31 -25.35 21.45
CA CYS B 211 -18.52 -25.42 22.88
C CYS B 211 -17.25 -25.70 23.67
N ARG B 212 -16.21 -26.15 22.97
CA ARG B 212 -14.86 -26.25 23.55
C ARG B 212 -13.82 -25.54 22.67
N PRO B 213 -13.85 -24.19 22.64
CA PRO B 213 -13.20 -23.38 21.62
C PRO B 213 -11.68 -23.32 21.76
N ASN B 214 -10.96 -23.10 20.65
CA ASN B 214 -9.51 -22.86 20.75
C ASN B 214 -9.11 -21.39 20.98
N CYS B 215 -10.07 -20.49 20.84
CA CYS B 215 -9.84 -19.05 21.01
C CYS B 215 -10.91 -18.35 21.83
N LYS B 216 -10.61 -17.14 22.24
CA LYS B 216 -11.56 -16.25 22.89
C LYS B 216 -11.34 -14.82 22.37
N PHE B 217 -12.36 -13.98 22.46
CA PHE B 217 -12.23 -12.57 22.12
C PHE B 217 -11.63 -11.81 23.27
N VAL B 218 -10.68 -10.92 22.97
CA VAL B 218 -10.13 -10.01 23.98
C VAL B 218 -10.29 -8.56 23.51
N SER B 219 -10.60 -7.67 24.43
CA SER B 219 -10.79 -6.25 24.10
C SER B 219 -9.48 -5.61 23.63
N THR B 220 -9.56 -4.75 22.61
CA THR B 220 -8.40 -4.00 22.13
C THR B 220 -8.62 -2.49 22.20
N GLY B 221 -9.70 -2.08 22.84
CA GLY B 221 -10.06 -0.68 22.88
C GLY B 221 -11.51 -0.61 23.28
N ARG B 222 -12.07 0.59 23.24
CA ARG B 222 -13.45 0.78 23.67
C ARG B 222 -14.48 0.08 22.77
N ASP B 223 -14.22 0.01 21.48
CA ASP B 223 -15.19 -0.52 20.51
C ASP B 223 -14.65 -1.67 19.66
N THR B 224 -13.55 -2.27 20.07
CA THR B 224 -12.86 -3.24 19.22
C THR B 224 -12.30 -4.40 20.04
N ALA B 225 -12.10 -5.54 19.36
CA ALA B 225 -11.55 -6.76 19.97
C ALA B 225 -10.69 -7.53 18.98
N CYS B 226 -9.87 -8.45 19.49
CA CYS B 226 -9.19 -9.41 18.60
C CYS B 226 -9.22 -10.76 19.29
N VAL B 227 -8.71 -11.82 18.66
CA VAL B 227 -8.77 -13.08 19.40
C VAL B 227 -7.45 -13.52 20.03
N LYS B 228 -7.57 -14.34 21.06
CA LYS B 228 -6.45 -14.87 21.80
C LYS B 228 -6.57 -16.39 21.84
N ALA B 229 -5.50 -17.09 21.46
CA ALA B 229 -5.47 -18.56 21.48
C ALA B 229 -5.56 -19.10 22.90
N LEU B 230 -6.56 -19.95 23.15
CA LEU B 230 -6.71 -20.59 24.45
C LEU B 230 -5.75 -21.77 24.56
N ARG B 231 -5.39 -22.35 23.42
CA ARG B 231 -4.41 -23.44 23.40
C ARG B 231 -3.66 -23.36 22.08
N ASP B 232 -2.69 -24.24 21.90
CA ASP B 232 -1.93 -24.29 20.66
C ASP B 232 -2.83 -24.68 19.49
N ILE B 233 -2.54 -24.12 18.31
CA ILE B 233 -3.38 -24.33 17.15
C ILE B 233 -2.45 -24.59 15.97
N GLU B 234 -2.82 -25.53 15.09
CA GLU B 234 -1.98 -25.92 13.96
C GLU B 234 -2.52 -25.34 12.65
N PRO B 235 -1.68 -25.24 11.61
CA PRO B 235 -2.19 -24.86 10.30
C PRO B 235 -3.32 -25.79 9.88
N GLY B 236 -4.34 -25.24 9.22
CA GLY B 236 -5.49 -26.02 8.78
C GLY B 236 -6.60 -26.22 9.80
N GLU B 237 -6.35 -25.88 11.05
CA GLU B 237 -7.37 -25.99 12.11
C GLU B 237 -8.26 -24.75 12.11
N GLU B 238 -9.55 -24.94 12.37
CA GLU B 238 -10.50 -23.81 12.37
C GLU B 238 -10.37 -22.98 13.65
N ILE B 239 -10.43 -21.66 13.53
CA ILE B 239 -10.51 -20.80 14.71
C ILE B 239 -11.95 -20.80 15.21
N SER B 240 -12.15 -21.03 16.50
CA SER B 240 -13.50 -20.95 17.06
C SER B 240 -13.51 -20.23 18.40
N CYS B 241 -14.67 -19.69 18.76
CA CYS B 241 -14.85 -19.07 20.06
C CYS B 241 -16.16 -19.55 20.62
N TYR B 242 -16.44 -19.17 21.86
CA TYR B 242 -17.67 -19.56 22.51
C TYR B 242 -18.58 -18.35 22.59
N TYR B 243 -19.66 -18.34 21.82
CA TYR B 243 -20.55 -17.16 21.78
C TYR B 243 -21.20 -16.90 23.14
N GLY B 244 -21.56 -17.97 23.85
CA GLY B 244 -22.22 -17.82 25.15
C GLY B 244 -23.06 -19.04 25.52
N ASP B 245 -23.68 -19.02 26.69
CA ASP B 245 -24.39 -20.21 27.17
C ASP B 245 -25.73 -20.48 26.49
N GLY B 246 -26.40 -19.43 26.04
CA GLY B 246 -27.71 -19.58 25.44
C GLY B 246 -27.84 -18.91 24.10
N PHE B 247 -26.77 -18.98 23.30
CA PHE B 247 -26.82 -18.38 21.98
C PHE B 247 -27.75 -19.18 21.07
N PHE B 248 -27.59 -20.50 21.09
CA PHE B 248 -28.34 -21.38 20.20
C PHE B 248 -29.52 -22.02 20.92
N GLY B 249 -30.41 -21.18 21.44
CA GLY B 249 -31.50 -21.65 22.26
C GLY B 249 -31.03 -21.90 23.68
N GLU B 250 -31.99 -22.05 24.58
CA GLU B 250 -31.73 -22.31 25.99
C GLU B 250 -30.72 -23.44 26.11
N ASN B 251 -29.70 -23.24 26.94
CA ASN B 251 -28.63 -24.24 27.10
C ASN B 251 -27.99 -24.73 25.81
N ASN B 252 -28.03 -23.88 24.77
CA ASN B 252 -27.41 -24.20 23.49
C ASN B 252 -27.93 -25.52 22.91
N GLU B 253 -29.20 -25.80 23.15
CA GLU B 253 -29.84 -27.01 22.63
C GLU B 253 -29.73 -27.16 21.12
N PHE B 254 -29.58 -26.05 20.40
CA PHE B 254 -29.55 -26.14 18.93
C PHE B 254 -28.15 -26.00 18.36
N CYS B 255 -27.14 -26.15 19.20
CA CYS B 255 -25.75 -26.01 18.74
C CYS B 255 -25.32 -27.16 17.83
N GLU B 256 -24.74 -26.83 16.67
CA GLU B 256 -24.28 -27.84 15.73
C GLU B 256 -22.75 -27.91 15.69
N CYS B 257 -22.09 -27.54 16.78
CA CYS B 257 -20.62 -27.54 16.78
C CYS B 257 -20.07 -28.96 16.89
N TYR B 258 -18.82 -29.14 16.46
CA TYR B 258 -18.12 -30.44 16.50
C TYR B 258 -18.08 -31.11 17.87
N THR B 259 -17.89 -30.32 18.92
CA THR B 259 -17.84 -30.87 20.28
C THR B 259 -19.20 -31.39 20.67
N CYS B 260 -20.24 -30.67 20.29
CA CYS B 260 -21.61 -31.13 20.53
C CYS B 260 -21.88 -32.44 19.79
N GLU B 261 -21.34 -32.57 18.58
CA GLU B 261 -21.55 -33.80 17.83
C GLU B 261 -20.92 -35.01 18.54
N ARG B 262 -19.71 -34.82 19.04
CA ARG B 262 -18.98 -35.89 19.69
C ARG B 262 -19.68 -36.27 20.98
N ARG B 263 -20.11 -35.26 21.75
CA ARG B 263 -20.77 -35.50 23.03
C ARG B 263 -22.22 -35.94 22.92
N GLY B 264 -22.76 -35.90 21.71
CA GLY B 264 -24.18 -36.16 21.51
C GLY B 264 -25.04 -35.17 22.28
N THR B 265 -24.58 -33.93 22.39
CA THR B 265 -25.36 -32.86 23.01
C THR B 265 -25.79 -31.86 21.93
N GLY B 266 -26.39 -30.76 22.35
CA GLY B 266 -26.81 -29.73 21.42
C GLY B 266 -27.81 -30.25 20.39
N ALA B 267 -27.61 -29.86 19.14
CA ALA B 267 -28.51 -30.24 18.07
C ALA B 267 -28.46 -31.75 17.78
N PHE B 268 -27.38 -32.40 18.22
CA PHE B 268 -27.23 -33.84 17.99
C PHE B 268 -27.73 -34.65 19.17
N LYS B 269 -28.50 -34.03 20.05
CA LYS B 269 -28.91 -34.69 21.29
C LYS B 269 -29.99 -35.73 21.02
ZN ZN C . 27.05 -4.43 -15.77
N SAM D . 23.02 5.41 -6.83
CA SAM D . 23.03 6.72 -7.48
C SAM D . 22.91 7.78 -6.39
O SAM D . 22.39 7.49 -5.31
OXT SAM D . 23.34 8.93 -6.57
CB SAM D . 21.87 6.86 -8.46
CG SAM D . 22.23 6.53 -9.91
SD SAM D . 23.34 7.77 -10.61
CE SAM D . 22.56 8.14 -12.21
C5' SAM D . 24.67 6.70 -11.23
C4' SAM D . 25.78 6.44 -10.20
O4' SAM D . 25.36 5.47 -9.25
C3' SAM D . 27.07 5.88 -10.80
O3' SAM D . 27.97 6.87 -11.20
C2' SAM D . 27.64 5.13 -9.64
O2' SAM D . 28.11 6.03 -8.68
C1' SAM D . 26.37 4.50 -9.09
N9 SAM D . 26.01 3.37 -9.97
C8 SAM D . 24.76 3.14 -10.51
N7 SAM D . 24.83 2.02 -11.27
C5 SAM D . 26.09 1.54 -11.24
C6 SAM D . 26.69 0.44 -11.84
N6 SAM D . 26.03 -0.40 -12.61
N1 SAM D . 28.04 0.23 -11.62
C2 SAM D . 28.77 1.08 -10.81
N3 SAM D . 28.15 2.15 -10.23
C4 SAM D . 26.84 2.39 -10.43
C1 GOL E . 19.36 8.35 -14.63
O1 GOL E . 19.50 7.30 -13.69
C2 GOL E . 20.52 8.36 -15.60
O2 GOL E . 21.48 9.27 -15.14
C3 GOL E . 20.07 8.82 -16.98
O3 GOL E . 20.29 7.79 -17.91
ZN ZN F . -21.76 -27.03 20.81
N SAM G . -20.52 -18.93 9.40
CA SAM G . -20.97 -17.58 9.66
C SAM G . -21.16 -16.81 8.37
O SAM G . -20.59 -17.19 7.35
OXT SAM G . -21.87 -15.79 8.30
CB SAM G . -19.95 -16.84 10.51
CG SAM G . -20.23 -16.87 12.02
SD SAM G . -21.66 -15.82 12.43
CE SAM G . -21.01 -14.85 13.82
C5' SAM G . -22.66 -17.02 13.37
C4' SAM G . -23.57 -17.88 12.49
O4' SAM G . -22.84 -18.96 11.92
C3' SAM G . -24.68 -18.53 13.30
O3' SAM G . -25.82 -17.74 13.38
C2' SAM G . -24.96 -19.78 12.51
O2' SAM G . -25.69 -19.47 11.35
C1' SAM G . -23.57 -20.17 12.09
N9 SAM G . -22.94 -20.94 13.17
C8 SAM G . -21.69 -20.74 13.67
N7 SAM G . -21.46 -21.62 14.66
C5 SAM G . -22.56 -22.40 14.82
C6 SAM G . -22.85 -23.45 15.68
N6 SAM G . -21.97 -23.88 16.58
N1 SAM G . -24.10 -24.05 15.61
C2 SAM G . -25.02 -23.62 14.68
N3 SAM G . -24.71 -22.58 13.83
C4 SAM G . -23.50 -21.98 13.88
#